data_1ZAQ
#
_entry.id   1ZAQ
#
_cell.length_a   1.000
_cell.length_b   1.000
_cell.length_c   1.000
_cell.angle_alpha   90.00
_cell.angle_beta   90.00
_cell.angle_gamma   90.00
#
_symmetry.space_group_name_H-M   'P 1'
#
_entity_poly.entity_id   1
_entity_poly.type   'polypeptide(L)'
_entity_poly.pdbx_seq_one_letter_code
;EPVDPCFRANCEYQCQPLNQTSYLCVCAEGFAPIPHEPHRCQMF
;
_entity_poly.pdbx_strand_id   A
#
# COMPACT_ATOMS: atom_id res chain seq x y z
N GLU A 1 -10.22 3.05 8.80
CA GLU A 1 -10.21 4.41 9.41
C GLU A 1 -11.06 5.36 8.57
N PRO A 2 -11.62 6.34 9.22
CA PRO A 2 -12.46 7.31 8.46
C PRO A 2 -11.59 8.46 7.95
N VAL A 3 -10.34 8.21 7.69
CA VAL A 3 -9.44 9.29 7.20
C VAL A 3 -8.14 8.68 6.69
N ASP A 4 -8.12 8.23 5.47
CA ASP A 4 -6.89 7.62 4.91
C ASP A 4 -6.50 6.39 5.73
N PRO A 5 -6.13 5.37 5.02
CA PRO A 5 -5.74 4.11 5.70
C PRO A 5 -4.67 4.39 6.76
N CYS A 6 -3.45 4.58 6.35
CA CYS A 6 -2.36 4.86 7.34
C CYS A 6 -2.09 6.37 7.38
N PHE A 7 -2.60 7.10 6.44
CA PHE A 7 -2.36 8.57 6.43
C PHE A 7 -0.89 8.85 6.74
N ARG A 8 -0.07 8.93 5.74
CA ARG A 8 1.38 9.20 5.98
C ARG A 8 2.17 8.87 4.71
N ALA A 9 2.17 7.61 4.32
CA ALA A 9 2.92 7.23 3.10
C ALA A 9 1.92 6.91 1.98
N ASN A 10 0.75 7.49 2.04
CA ASN A 10 -0.27 7.24 0.98
C ASN A 10 -0.51 5.73 0.85
N CYS A 11 -1.59 5.25 1.39
CA CYS A 11 -1.87 3.79 1.29
C CYS A 11 -3.30 3.56 0.80
N GLU A 12 -3.72 2.33 0.67
CA GLU A 12 -5.09 2.05 0.19
C GLU A 12 -5.67 0.82 0.91
N TYR A 13 -5.10 0.44 2.02
CA TYR A 13 -5.65 -0.75 2.74
C TYR A 13 -4.93 -0.94 4.09
N GLN A 14 -3.87 -1.71 4.13
CA GLN A 14 -3.15 -1.93 5.43
C GLN A 14 -1.89 -1.07 5.48
N CYS A 15 -1.09 -1.29 6.49
CA CYS A 15 0.16 -0.50 6.63
C CYS A 15 1.33 -1.44 6.93
N GLN A 16 2.44 -1.24 6.27
CA GLN A 16 3.62 -2.12 6.52
C GLN A 16 4.89 -1.27 6.48
N PRO A 17 5.22 -0.69 7.61
CA PRO A 17 6.44 0.14 7.68
C PRO A 17 7.56 -0.47 6.85
N LEU A 18 7.82 0.07 5.70
CA LEU A 18 8.90 -0.48 4.82
C LEU A 18 8.50 -1.88 4.36
N ASN A 19 7.60 -1.93 3.41
CA ASN A 19 7.15 -3.26 2.89
C ASN A 19 8.20 -3.81 1.92
N GLN A 20 9.26 -4.38 2.43
CA GLN A 20 10.31 -4.93 1.54
C GLN A 20 11.00 -3.79 0.79
N THR A 21 10.45 -3.39 -0.32
CA THR A 21 11.06 -2.29 -1.10
C THR A 21 10.02 -1.18 -1.31
N SER A 22 9.40 -0.73 -0.25
CA SER A 22 8.38 0.35 -0.39
C SER A 22 8.49 1.30 0.80
N TYR A 23 7.38 1.77 1.30
CA TYR A 23 7.42 2.71 2.47
C TYR A 23 6.04 2.78 3.11
N LEU A 24 5.62 1.71 3.73
CA LEU A 24 4.28 1.71 4.38
C LEU A 24 3.21 1.62 3.29
N CYS A 25 2.05 1.12 3.63
CA CYS A 25 0.95 0.99 2.63
C CYS A 25 1.09 -0.35 1.89
N VAL A 26 0.26 -1.31 2.23
CA VAL A 26 0.33 -2.63 1.54
C VAL A 26 -0.77 -2.70 0.49
N CYS A 27 -1.10 -3.87 0.00
CA CYS A 27 -2.17 -3.97 -1.03
C CYS A 27 -3.52 -4.22 -0.34
N ALA A 28 -3.83 -5.46 -0.07
CA ALA A 28 -5.12 -5.79 0.59
C ALA A 28 -5.27 -7.31 0.62
N GLU A 29 -6.45 -7.81 0.47
CA GLU A 29 -6.65 -9.29 0.47
C GLU A 29 -6.74 -9.78 -0.98
N GLY A 30 -7.76 -9.39 -1.68
CA GLY A 30 -7.89 -9.82 -3.10
C GLY A 30 -7.38 -8.72 -4.01
N PHE A 31 -6.10 -8.45 -3.97
CA PHE A 31 -5.54 -7.36 -4.82
C PHE A 31 -4.06 -7.65 -5.09
N ALA A 32 -3.69 -7.75 -6.33
CA ALA A 32 -2.26 -8.02 -6.67
C ALA A 32 -1.51 -6.70 -6.79
N PRO A 33 -0.59 -6.48 -5.89
CA PRO A 33 0.18 -5.22 -5.96
C PRO A 33 1.06 -5.19 -7.21
N ILE A 34 0.76 -4.30 -8.11
CA ILE A 34 1.57 -4.21 -9.37
C ILE A 34 3.06 -4.36 -9.03
N PRO A 35 3.79 -4.87 -9.98
CA PRO A 35 5.24 -5.08 -9.76
C PRO A 35 5.94 -3.76 -9.47
N HIS A 36 5.61 -2.72 -10.19
CA HIS A 36 6.27 -1.40 -9.95
C HIS A 36 5.50 -0.62 -8.87
N GLU A 37 4.84 -1.31 -7.98
CA GLU A 37 4.09 -0.60 -6.90
C GLU A 37 3.40 -1.63 -6.00
N PRO A 38 3.75 -1.61 -4.74
CA PRO A 38 3.13 -2.57 -3.80
C PRO A 38 1.99 -1.90 -3.03
N HIS A 39 2.17 -0.67 -2.62
CA HIS A 39 1.10 0.03 -1.87
C HIS A 39 -0.14 0.17 -2.76
N ARG A 40 0.02 0.01 -4.04
CA ARG A 40 -1.14 0.13 -4.97
C ARG A 40 -1.47 -1.24 -5.53
N CYS A 41 -2.67 -1.44 -6.01
CA CYS A 41 -3.04 -2.76 -6.56
C CYS A 41 -3.87 -2.61 -7.83
N GLN A 42 -4.20 -3.70 -8.45
CA GLN A 42 -5.03 -3.64 -9.69
C GLN A 42 -6.08 -4.75 -9.66
N MET A 43 -6.40 -5.23 -8.49
CA MET A 43 -7.42 -6.31 -8.39
C MET A 43 -6.94 -7.56 -9.13
N PHE A 44 -6.85 -8.67 -8.45
CA PHE A 44 -6.38 -9.92 -9.13
C PHE A 44 -7.28 -10.21 -10.33
N GLU A 1 -2.86 16.60 11.09
CA GLU A 1 -4.10 17.37 10.80
C GLU A 1 -5.01 16.57 9.86
N PRO A 2 -4.42 16.11 8.79
CA PRO A 2 -5.22 15.31 7.83
C PRO A 2 -5.64 13.99 8.46
N VAL A 3 -6.20 13.10 7.68
CA VAL A 3 -6.64 11.79 8.23
C VAL A 3 -6.27 10.67 7.25
N ASP A 4 -5.08 10.69 6.74
CA ASP A 4 -4.67 9.63 5.77
C ASP A 4 -4.70 8.27 6.45
N PRO A 5 -5.21 7.31 5.73
CA PRO A 5 -5.30 5.95 6.28
C PRO A 5 -4.04 5.62 7.09
N CYS A 6 -2.92 5.49 6.44
CA CYS A 6 -1.67 5.18 7.19
C CYS A 6 -1.08 6.47 7.75
N PHE A 7 -1.27 7.57 7.07
CA PHE A 7 -0.74 8.87 7.55
C PHE A 7 0.74 9.02 7.17
N ARG A 8 1.52 7.98 7.31
CA ARG A 8 2.96 8.07 6.94
C ARG A 8 3.22 7.27 5.68
N ALA A 9 2.39 7.42 4.69
CA ALA A 9 2.60 6.66 3.42
C ALA A 9 1.30 6.66 2.61
N ASN A 10 1.37 6.31 1.35
CA ASN A 10 0.15 6.29 0.50
C ASN A 10 -0.34 4.85 0.35
N CYS A 11 -1.22 4.42 1.22
CA CYS A 11 -1.73 3.02 1.14
C CYS A 11 -3.18 3.04 0.65
N GLU A 12 -3.63 1.97 0.06
CA GLU A 12 -5.04 1.91 -0.43
C GLU A 12 -5.79 0.81 0.32
N TYR A 13 -5.46 0.60 1.56
CA TYR A 13 -6.14 -0.45 2.36
C TYR A 13 -5.37 -0.65 3.67
N GLN A 14 -4.38 -1.50 3.67
CA GLN A 14 -3.59 -1.73 4.90
C GLN A 14 -2.32 -0.86 4.84
N CYS A 15 -1.35 -1.12 5.65
CA CYS A 15 -0.11 -0.31 5.60
C CYS A 15 1.01 -1.00 6.39
N GLN A 16 2.01 -1.47 5.69
CA GLN A 16 3.14 -2.16 6.39
C GLN A 16 4.40 -1.29 6.24
N PRO A 17 4.41 -0.21 6.97
CA PRO A 17 5.57 0.71 6.89
C PRO A 17 6.88 -0.05 7.15
N LEU A 18 7.56 -0.47 6.12
CA LEU A 18 8.85 -1.19 6.30
C LEU A 18 9.19 -1.96 5.03
N ASN A 19 9.89 -1.32 4.14
CA ASN A 19 10.28 -2.00 2.87
C ASN A 19 11.72 -1.63 2.51
N GLN A 20 12.66 -2.44 2.92
CA GLN A 20 14.09 -2.14 2.61
C GLN A 20 14.60 -1.04 3.55
N THR A 21 14.27 0.19 3.29
CA THR A 21 14.75 1.29 4.17
C THR A 21 13.68 2.39 4.25
N SER A 22 12.44 2.02 4.16
CA SER A 22 11.35 3.03 4.23
C SER A 22 10.05 2.36 4.66
N TYR A 23 8.94 2.85 4.19
CA TYR A 23 7.65 2.23 4.58
C TYR A 23 7.13 1.37 3.43
N LEU A 24 5.85 1.23 3.32
CA LEU A 24 5.27 0.40 2.22
C LEU A 24 3.84 0.02 2.58
N CYS A 25 3.02 -0.25 1.60
CA CYS A 25 1.60 -0.62 1.88
C CYS A 25 1.28 -1.94 1.17
N VAL A 26 0.05 -2.37 1.24
CA VAL A 26 -0.32 -3.64 0.56
C VAL A 26 -1.51 -3.39 -0.37
N CYS A 27 -2.00 -4.42 -1.02
CA CYS A 27 -3.16 -4.24 -1.94
C CYS A 27 -4.44 -4.08 -1.10
N ALA A 28 -5.27 -5.10 -1.03
CA ALA A 28 -6.51 -4.99 -0.23
C ALA A 28 -6.94 -6.40 0.20
N GLU A 29 -8.22 -6.65 0.27
CA GLU A 29 -8.68 -8.00 0.66
C GLU A 29 -8.11 -9.00 -0.34
N GLY A 30 -7.69 -8.52 -1.48
CA GLY A 30 -7.12 -9.42 -2.52
C GLY A 30 -6.37 -8.57 -3.54
N PHE A 31 -6.99 -8.29 -4.66
CA PHE A 31 -6.33 -7.45 -5.68
C PHE A 31 -5.06 -8.12 -6.17
N ALA A 32 -4.79 -8.05 -7.44
CA ALA A 32 -3.56 -8.68 -7.99
C ALA A 32 -2.43 -7.65 -7.98
N PRO A 33 -1.59 -7.75 -6.99
CA PRO A 33 -0.46 -6.79 -6.90
C PRO A 33 0.16 -6.56 -8.28
N ILE A 34 0.34 -5.33 -8.66
CA ILE A 34 0.97 -5.05 -9.99
C ILE A 34 2.48 -5.16 -9.85
N PRO A 35 3.17 -4.96 -10.94
CA PRO A 35 4.65 -5.06 -10.87
C PRO A 35 5.29 -3.67 -10.80
N HIS A 36 4.49 -2.65 -10.67
CA HIS A 36 5.05 -1.27 -10.60
C HIS A 36 4.50 -0.53 -9.38
N GLU A 37 3.55 -1.10 -8.69
CA GLU A 37 2.98 -0.40 -7.51
C GLU A 37 2.36 -1.43 -6.55
N PRO A 38 2.83 -1.40 -5.33
CA PRO A 38 2.27 -2.35 -4.34
C PRO A 38 1.02 -1.76 -3.70
N HIS A 39 1.13 -0.64 -3.05
CA HIS A 39 -0.05 0.00 -2.42
C HIS A 39 -1.20 0.01 -3.43
N ARG A 40 -0.89 -0.01 -4.69
CA ARG A 40 -1.94 -0.02 -5.73
C ARG A 40 -1.99 -1.40 -6.37
N CYS A 41 -3.16 -1.93 -6.59
CA CYS A 41 -3.26 -3.28 -7.20
C CYS A 41 -4.55 -3.39 -8.01
N GLN A 42 -4.63 -4.38 -8.87
CA GLN A 42 -5.85 -4.54 -9.70
C GLN A 42 -6.88 -5.37 -8.94
N MET A 43 -7.63 -6.18 -9.63
CA MET A 43 -8.65 -7.02 -8.94
C MET A 43 -8.42 -8.49 -9.29
N PHE A 44 -7.82 -9.23 -8.39
CA PHE A 44 -7.56 -10.66 -8.67
C PHE A 44 -8.87 -11.45 -8.57
N GLU A 1 7.21 10.69 16.45
CA GLU A 1 6.62 9.90 15.34
C GLU A 1 5.95 10.84 14.33
N PRO A 2 6.76 11.43 13.48
CA PRO A 2 6.19 12.36 12.49
C PRO A 2 5.78 11.59 11.23
N VAL A 3 4.98 10.57 11.38
CA VAL A 3 4.54 9.78 10.19
C VAL A 3 3.10 9.30 10.40
N ASP A 4 2.29 9.35 9.38
CA ASP A 4 0.88 8.89 9.53
C ASP A 4 0.67 7.65 8.66
N PRO A 5 1.17 6.56 9.15
CA PRO A 5 1.00 5.30 8.41
C PRO A 5 -0.40 5.22 7.78
N CYS A 6 -0.52 4.56 6.66
CA CYS A 6 -1.84 4.45 5.99
C CYS A 6 -2.20 5.80 5.36
N PHE A 7 -1.32 6.77 5.47
CA PHE A 7 -1.61 8.09 4.87
C PHE A 7 -0.34 8.67 4.23
N ARG A 8 0.79 8.45 4.84
CA ARG A 8 2.06 8.98 4.28
C ARG A 8 2.69 7.96 3.33
N ALA A 9 2.50 6.68 3.61
CA ALA A 9 3.08 5.64 2.74
C ALA A 9 2.10 5.31 1.61
N ASN A 10 1.17 6.18 1.36
CA ASN A 10 0.18 5.93 0.27
C ASN A 10 -0.27 4.46 0.31
N CYS A 11 -0.55 3.94 1.46
CA CYS A 11 -1.00 2.53 1.56
C CYS A 11 -2.43 2.40 1.03
N GLU A 12 -2.83 1.22 0.64
CA GLU A 12 -4.21 1.04 0.10
C GLU A 12 -5.07 0.33 1.14
N TYR A 13 -4.84 -0.94 1.32
CA TYR A 13 -5.65 -1.71 2.32
C TYR A 13 -4.89 -1.76 3.64
N GLN A 14 -3.83 -2.52 3.71
CA GLN A 14 -3.06 -2.59 4.97
C GLN A 14 -1.83 -1.70 4.86
N CYS A 15 -1.43 -1.08 5.95
CA CYS A 15 -0.26 -0.18 5.90
C CYS A 15 0.79 -0.62 6.92
N GLN A 16 1.90 -1.13 6.46
CA GLN A 16 2.97 -1.56 7.40
C GLN A 16 4.28 -0.88 7.00
N PRO A 17 4.22 0.42 6.90
CA PRO A 17 5.43 1.17 6.51
C PRO A 17 6.68 0.59 7.16
N LEU A 18 7.36 -0.30 6.48
CA LEU A 18 8.58 -0.91 7.08
C LEU A 18 9.64 -1.19 5.99
N ASN A 19 9.34 -0.91 4.75
CA ASN A 19 10.33 -1.17 3.67
C ASN A 19 11.71 -0.66 4.10
N GLN A 20 12.72 -0.97 3.34
CA GLN A 20 14.09 -0.51 3.69
C GLN A 20 14.03 0.95 4.14
N THR A 21 13.14 1.70 3.59
CA THR A 21 13.01 3.14 3.98
C THR A 21 11.95 3.81 3.11
N SER A 22 10.94 3.08 2.71
CA SER A 22 9.88 3.68 1.85
C SER A 22 8.52 3.09 2.22
N TYR A 23 8.42 2.45 3.34
CA TYR A 23 7.12 1.86 3.74
C TYR A 23 6.75 0.73 2.79
N LEU A 24 6.08 -0.25 3.29
CA LEU A 24 5.70 -1.40 2.45
C LEU A 24 4.25 -1.79 2.73
N CYS A 25 3.31 -1.17 2.08
CA CYS A 25 1.88 -1.50 2.32
C CYS A 25 1.56 -2.82 1.61
N VAL A 26 0.45 -3.43 1.95
CA VAL A 26 0.08 -4.72 1.29
C VAL A 26 -0.82 -4.42 0.08
N CYS A 27 -1.75 -5.29 -0.21
CA CYS A 27 -2.64 -5.05 -1.37
C CYS A 27 -4.08 -4.89 -0.89
N ALA A 28 -4.72 -5.97 -0.51
CA ALA A 28 -6.12 -5.87 -0.03
C ALA A 28 -6.64 -7.28 0.26
N GLU A 29 -7.89 -7.54 -0.02
CA GLU A 29 -8.43 -8.90 0.24
C GLU A 29 -8.57 -9.66 -1.08
N GLY A 30 -9.00 -8.99 -2.12
CA GLY A 30 -9.16 -9.69 -3.43
C GLY A 30 -8.86 -8.71 -4.58
N PHE A 31 -7.65 -8.21 -4.63
CA PHE A 31 -7.29 -7.25 -5.71
C PHE A 31 -6.32 -7.96 -6.67
N ALA A 32 -5.60 -7.20 -7.44
CA ALA A 32 -4.63 -7.81 -8.40
C ALA A 32 -3.27 -7.13 -8.22
N PRO A 33 -2.35 -7.85 -7.63
CA PRO A 33 -1.02 -7.27 -7.38
C PRO A 33 -0.59 -6.37 -8.55
N ILE A 34 -0.23 -5.15 -8.24
CA ILE A 34 0.20 -4.20 -9.31
C ILE A 34 1.42 -4.80 -10.04
N PRO A 35 2.05 -4.00 -10.87
CA PRO A 35 3.22 -4.51 -11.59
C PRO A 35 4.52 -3.93 -11.01
N HIS A 36 4.53 -2.67 -10.69
CA HIS A 36 5.76 -2.05 -10.14
C HIS A 36 5.40 -1.11 -8.99
N GLU A 37 4.64 -1.58 -8.04
CA GLU A 37 4.26 -0.71 -6.89
C GLU A 37 3.90 -1.57 -5.68
N PRO A 38 4.85 -1.73 -4.80
CA PRO A 38 4.59 -2.55 -3.60
C PRO A 38 3.92 -1.71 -2.51
N HIS A 39 2.63 -1.80 -2.41
CA HIS A 39 1.89 -1.01 -1.37
C HIS A 39 0.42 -0.90 -1.76
N ARG A 40 0.14 -0.87 -3.04
CA ARG A 40 -1.28 -0.76 -3.48
C ARG A 40 -1.67 -2.01 -4.26
N CYS A 41 -2.65 -1.90 -5.12
CA CYS A 41 -3.08 -3.08 -5.91
C CYS A 41 -3.72 -2.60 -7.22
N GLN A 42 -4.24 -3.51 -8.00
CA GLN A 42 -4.87 -3.10 -9.29
C GLN A 42 -6.32 -3.59 -9.33
N MET A 43 -6.83 -4.06 -8.22
CA MET A 43 -8.23 -4.55 -8.19
C MET A 43 -8.39 -5.71 -9.18
N PHE A 44 -8.92 -6.81 -8.73
CA PHE A 44 -9.10 -7.98 -9.64
C PHE A 44 -10.44 -7.84 -10.38
N GLU A 1 -2.17 11.20 17.15
CA GLU A 1 -3.07 12.05 16.33
C GLU A 1 -3.17 11.47 14.91
N PRO A 2 -4.23 10.76 14.67
CA PRO A 2 -4.41 10.17 13.33
C PRO A 2 -4.53 11.28 12.27
N VAL A 3 -3.97 11.05 11.10
CA VAL A 3 -4.05 12.09 10.04
C VAL A 3 -3.82 11.43 8.67
N ASP A 4 -2.73 10.74 8.51
CA ASP A 4 -2.45 10.08 7.21
C ASP A 4 -2.81 8.61 7.28
N PRO A 5 -3.47 8.17 6.25
CA PRO A 5 -3.88 6.75 6.20
C PRO A 5 -2.78 5.84 6.76
N CYS A 6 -1.63 5.83 6.12
CA CYS A 6 -0.52 4.97 6.62
C CYS A 6 0.69 5.82 6.96
N PHE A 7 0.49 7.05 7.32
CA PHE A 7 1.64 7.93 7.66
C PHE A 7 2.66 7.92 6.51
N ARG A 8 2.69 8.97 5.73
CA ARG A 8 3.67 9.02 4.60
C ARG A 8 3.58 7.73 3.79
N ALA A 9 2.46 7.49 3.16
CA ALA A 9 2.30 6.25 2.36
C ALA A 9 0.85 6.09 1.93
N ASN A 10 0.57 6.21 0.66
CA ASN A 10 -0.84 6.06 0.18
C ASN A 10 -1.16 4.58 -0.04
N CYS A 11 -1.55 3.89 1.00
CA CYS A 11 -1.88 2.45 0.85
C CYS A 11 -3.37 2.28 0.56
N GLU A 12 -3.88 1.08 0.69
CA GLU A 12 -5.33 0.85 0.41
C GLU A 12 -6.07 0.66 1.73
N TYR A 13 -6.15 -0.56 2.21
CA TYR A 13 -6.87 -0.81 3.49
C TYR A 13 -5.85 -1.18 4.58
N GLN A 14 -4.82 -1.88 4.22
CA GLN A 14 -3.78 -2.26 5.22
C GLN A 14 -2.42 -1.82 4.70
N CYS A 15 -1.39 -1.93 5.49
CA CYS A 15 -0.05 -1.51 5.01
C CYS A 15 1.01 -1.72 6.09
N GLN A 16 2.15 -2.22 5.71
CA GLN A 16 3.25 -2.43 6.70
C GLN A 16 4.39 -1.47 6.35
N PRO A 17 4.16 -0.22 6.63
CA PRO A 17 5.19 0.80 6.31
C PRO A 17 6.52 0.45 6.96
N LEU A 18 7.45 -0.08 6.21
CA LEU A 18 8.78 -0.41 6.78
C LEU A 18 9.52 -1.36 5.84
N ASN A 19 10.26 -0.82 4.93
CA ASN A 19 11.03 -1.66 3.97
C ASN A 19 12.47 -1.15 3.90
N GLN A 20 13.26 -1.42 4.91
CA GLN A 20 14.67 -0.94 4.91
C GLN A 20 14.72 0.52 5.34
N THR A 21 14.30 1.41 4.49
CA THR A 21 14.31 2.86 4.85
C THR A 21 13.08 3.54 4.25
N SER A 22 11.98 2.85 4.20
CA SER A 22 10.74 3.45 3.62
C SER A 22 9.51 2.72 4.15
N TYR A 23 8.48 2.61 3.36
CA TYR A 23 7.26 1.92 3.83
C TYR A 23 6.98 0.72 2.92
N LEU A 24 5.76 0.29 2.86
CA LEU A 24 5.42 -0.88 2.00
C LEU A 24 4.01 -1.38 2.38
N CYS A 25 3.04 -1.15 1.55
CA CYS A 25 1.66 -1.61 1.89
C CYS A 25 1.28 -2.81 1.03
N VAL A 26 0.10 -3.33 1.22
CA VAL A 26 -0.35 -4.51 0.41
C VAL A 26 -1.50 -4.10 -0.51
N CYS A 27 -2.35 -5.03 -0.85
CA CYS A 27 -3.50 -4.70 -1.75
C CYS A 27 -4.72 -4.35 -0.88
N ALA A 28 -5.89 -4.80 -1.28
CA ALA A 28 -7.12 -4.51 -0.50
C ALA A 28 -7.79 -5.84 -0.17
N GLU A 29 -9.09 -5.90 -0.23
CA GLU A 29 -9.78 -7.19 0.06
C GLU A 29 -9.22 -8.26 -0.89
N GLY A 30 -8.62 -7.82 -1.96
CA GLY A 30 -8.03 -8.77 -2.95
C GLY A 30 -7.16 -7.97 -3.92
N PHE A 31 -7.64 -7.77 -5.12
CA PHE A 31 -6.85 -6.99 -6.11
C PHE A 31 -5.52 -7.68 -6.38
N ALA A 32 -5.13 -7.76 -7.63
CA ALA A 32 -3.85 -8.42 -7.98
C ALA A 32 -2.69 -7.46 -7.68
N PRO A 33 -1.51 -7.98 -7.67
CA PRO A 33 -0.36 -7.09 -7.38
C PRO A 33 0.28 -6.56 -8.66
N ILE A 34 -0.03 -5.34 -9.01
CA ILE A 34 0.55 -4.76 -10.25
C ILE A 34 2.08 -4.95 -10.22
N PRO A 35 2.74 -4.45 -11.24
CA PRO A 35 4.22 -4.61 -11.25
C PRO A 35 4.90 -3.24 -11.21
N HIS A 36 4.18 -2.19 -10.94
CA HIS A 36 4.81 -0.85 -10.89
C HIS A 36 4.34 -0.08 -9.65
N GLU A 37 3.52 -0.69 -8.83
CA GLU A 37 3.03 0.02 -7.62
C GLU A 37 3.12 -0.92 -6.39
N PRO A 38 3.83 -0.47 -5.39
CA PRO A 38 3.94 -1.31 -4.17
C PRO A 38 3.07 -0.74 -3.05
N HIS A 39 1.80 -1.03 -3.09
CA HIS A 39 0.87 -0.52 -2.03
C HIS A 39 -0.56 -0.61 -2.55
N ARG A 40 -0.73 -0.58 -3.84
CA ARG A 40 -2.08 -0.66 -4.43
C ARG A 40 -2.20 -1.95 -5.25
N CYS A 41 -3.37 -2.28 -5.70
CA CYS A 41 -3.53 -3.53 -6.48
C CYS A 41 -4.76 -3.41 -7.38
N GLN A 42 -4.94 -4.33 -8.29
CA GLN A 42 -6.13 -4.23 -9.21
C GLN A 42 -6.79 -5.60 -9.42
N MET A 43 -7.93 -5.80 -8.83
CA MET A 43 -8.67 -7.09 -9.00
C MET A 43 -7.72 -8.28 -9.05
N PHE A 44 -7.58 -8.99 -7.95
CA PHE A 44 -6.67 -10.17 -7.93
C PHE A 44 -7.07 -11.13 -9.07
N GLU A 1 -2.79 18.65 9.77
CA GLU A 1 -3.91 18.34 8.85
C GLU A 1 -4.10 16.83 8.73
N PRO A 2 -4.45 16.22 9.83
CA PRO A 2 -4.65 14.76 9.82
C PRO A 2 -5.84 14.39 8.94
N VAL A 3 -5.60 14.10 7.69
CA VAL A 3 -6.72 13.74 6.78
C VAL A 3 -6.25 12.64 5.81
N ASP A 4 -5.21 11.93 6.15
CA ASP A 4 -4.71 10.86 5.26
C ASP A 4 -4.56 9.56 6.06
N PRO A 5 -5.14 8.52 5.54
CA PRO A 5 -5.05 7.23 6.24
C PRO A 5 -3.60 6.92 6.62
N CYS A 6 -2.82 6.43 5.69
CA CYS A 6 -1.40 6.12 6.00
C CYS A 6 -0.50 6.82 4.98
N PHE A 7 -0.51 8.12 4.97
CA PHE A 7 0.34 8.87 4.00
C PHE A 7 1.80 8.42 4.14
N ARG A 8 2.14 7.79 5.23
CA ARG A 8 3.55 7.33 5.43
C ARG A 8 4.09 6.75 4.11
N ALA A 9 3.25 6.17 3.31
CA ALA A 9 3.73 5.59 2.02
C ALA A 9 2.55 5.42 1.06
N ASN A 10 1.57 6.30 1.14
CA ASN A 10 0.40 6.19 0.23
C ASN A 10 -0.04 4.73 0.13
N CYS A 11 -0.98 4.32 0.95
CA CYS A 11 -1.45 2.91 0.91
C CYS A 11 -2.90 2.87 0.43
N GLU A 12 -3.54 1.74 0.52
CA GLU A 12 -4.96 1.64 0.06
C GLU A 12 -5.65 0.47 0.76
N TYR A 13 -5.25 0.17 1.97
CA TYR A 13 -5.88 -0.96 2.71
C TYR A 13 -5.14 -1.17 4.03
N GLN A 14 -4.17 -2.03 4.04
CA GLN A 14 -3.40 -2.26 5.30
C GLN A 14 -2.00 -1.67 5.13
N CYS A 15 -1.81 -0.49 5.60
CA CYS A 15 -0.49 0.17 5.45
C CYS A 15 0.51 -0.41 6.46
N GLN A 16 1.59 -0.95 5.98
CA GLN A 16 2.61 -1.52 6.90
C GLN A 16 3.94 -0.80 6.65
N PRO A 17 3.94 0.47 6.94
CA PRO A 17 5.18 1.27 6.72
C PRO A 17 6.36 0.65 7.46
N LEU A 18 7.18 -0.09 6.77
CA LEU A 18 8.37 -0.69 7.43
C LEU A 18 8.92 -1.82 6.54
N ASN A 19 9.80 -1.48 5.65
CA ASN A 19 10.40 -2.49 4.75
C ASN A 19 11.89 -2.17 4.58
N GLN A 20 12.75 -3.00 5.10
CA GLN A 20 14.20 -2.73 4.98
C GLN A 20 14.52 -1.40 5.66
N THR A 21 14.41 -0.32 4.95
CA THR A 21 14.69 1.01 5.55
C THR A 21 13.67 2.03 5.05
N SER A 22 12.41 1.67 5.00
CA SER A 22 11.38 2.63 4.51
C SER A 22 9.99 2.14 4.92
N TYR A 23 8.99 2.42 4.12
CA TYR A 23 7.62 1.97 4.44
C TYR A 23 7.21 0.88 3.48
N LEU A 24 5.94 0.66 3.32
CA LEU A 24 5.46 -0.41 2.40
C LEU A 24 4.00 -0.76 2.72
N CYS A 25 3.13 -0.68 1.75
CA CYS A 25 1.71 -1.02 2.00
C CYS A 25 1.34 -2.29 1.22
N VAL A 26 0.12 -2.74 1.34
CA VAL A 26 -0.29 -3.97 0.59
C VAL A 26 -1.60 -3.68 -0.15
N CYS A 27 -1.93 -4.49 -1.12
CA CYS A 27 -3.18 -4.26 -1.89
C CYS A 27 -4.39 -4.46 -0.95
N ALA A 28 -4.75 -5.69 -0.69
CA ALA A 28 -5.91 -5.95 0.21
C ALA A 28 -5.91 -7.44 0.57
N GLU A 29 -7.06 -8.04 0.73
CA GLU A 29 -7.09 -9.48 1.05
C GLU A 29 -6.30 -10.22 -0.03
N GLY A 30 -6.17 -9.60 -1.17
CA GLY A 30 -5.42 -10.22 -2.29
C GLY A 30 -5.07 -9.12 -3.29
N PHE A 31 -5.87 -8.94 -4.30
CA PHE A 31 -5.61 -7.88 -5.30
C PHE A 31 -4.25 -8.11 -5.96
N ALA A 32 -4.22 -8.05 -7.26
CA ALA A 32 -2.93 -8.26 -7.98
C ALA A 32 -2.39 -6.91 -8.46
N PRO A 33 -1.47 -6.38 -7.70
CA PRO A 33 -0.89 -5.07 -8.09
C PRO A 33 -0.66 -5.02 -9.60
N ILE A 34 -1.34 -4.16 -10.29
CA ILE A 34 -1.16 -4.07 -11.78
C ILE A 34 -0.04 -3.07 -12.10
N PRO A 35 -0.02 -1.98 -11.36
CA PRO A 35 1.04 -0.98 -11.65
C PRO A 35 2.40 -1.50 -11.16
N HIS A 36 2.40 -2.62 -10.49
CA HIS A 36 3.69 -3.18 -9.98
C HIS A 36 4.17 -2.34 -8.79
N GLU A 37 3.27 -1.66 -8.13
CA GLU A 37 3.68 -0.82 -6.97
C GLU A 37 3.00 -1.34 -5.70
N PRO A 38 3.45 -0.85 -4.57
CA PRO A 38 2.84 -1.31 -3.30
C PRO A 38 1.85 -0.26 -2.78
N HIS A 39 0.62 -0.33 -3.21
CA HIS A 39 -0.41 0.65 -2.74
C HIS A 39 -1.58 0.70 -3.74
N ARG A 40 -1.36 0.24 -4.94
CA ARG A 40 -2.45 0.26 -5.95
C ARG A 40 -2.57 -1.12 -6.60
N CYS A 41 -3.74 -1.70 -6.54
CA CYS A 41 -3.92 -3.05 -7.15
C CYS A 41 -5.37 -3.20 -7.61
N GLN A 42 -5.63 -4.14 -8.50
CA GLN A 42 -7.02 -4.32 -9.00
C GLN A 42 -7.65 -5.52 -8.29
N MET A 43 -8.48 -6.25 -8.98
CA MET A 43 -9.14 -7.42 -8.35
C MET A 43 -8.56 -8.71 -8.96
N PHE A 44 -7.33 -9.01 -8.67
CA PHE A 44 -6.72 -10.25 -9.23
C PHE A 44 -6.83 -10.23 -10.75
N GLU A 1 -5.17 16.29 -4.73
CA GLU A 1 -5.81 16.58 -3.41
C GLU A 1 -4.96 15.97 -2.30
N PRO A 2 -4.24 16.82 -1.61
CA PRO A 2 -3.39 16.31 -0.51
C PRO A 2 -4.20 15.37 0.40
N VAL A 3 -4.04 14.10 0.24
CA VAL A 3 -4.79 13.14 1.10
C VAL A 3 -4.05 11.80 1.16
N ASP A 4 -3.89 11.26 2.34
CA ASP A 4 -3.18 9.96 2.47
C ASP A 4 -4.16 8.90 2.95
N PRO A 5 -4.06 7.74 2.36
CA PRO A 5 -4.96 6.65 2.74
C PRO A 5 -4.67 6.20 4.18
N CYS A 6 -3.47 5.73 4.44
CA CYS A 6 -3.14 5.28 5.82
C CYS A 6 -2.42 6.40 6.57
N PHE A 7 -2.08 7.46 5.88
CA PHE A 7 -1.37 8.59 6.56
C PHE A 7 0.01 8.13 7.03
N ARG A 8 0.90 7.89 6.11
CA ARG A 8 2.27 7.44 6.49
C ARG A 8 3.02 7.00 5.23
N ALA A 9 2.33 6.43 4.29
CA ALA A 9 3.01 5.98 3.04
C ALA A 9 1.95 5.64 1.99
N ASN A 10 2.36 5.39 0.77
CA ASN A 10 1.39 5.05 -0.30
C ASN A 10 0.78 3.67 -0.02
N CYS A 11 -0.24 3.62 0.77
CA CYS A 11 -0.88 2.31 1.09
C CYS A 11 -2.37 2.36 0.76
N GLU A 12 -2.80 1.58 -0.20
CA GLU A 12 -4.26 1.57 -0.55
C GLU A 12 -4.97 0.53 0.31
N TYR A 13 -4.32 0.08 1.35
CA TYR A 13 -4.94 -0.94 2.24
C TYR A 13 -4.13 -0.99 3.55
N GLN A 14 -3.82 -2.17 4.03
CA GLN A 14 -3.02 -2.24 5.29
C GLN A 14 -1.68 -1.56 5.06
N CYS A 15 -1.28 -0.70 5.96
CA CYS A 15 0.01 0.02 5.79
C CYS A 15 0.99 -0.40 6.88
N GLN A 16 2.05 -1.06 6.51
CA GLN A 16 3.06 -1.48 7.53
C GLN A 16 4.38 -0.77 7.25
N PRO A 17 4.33 0.54 7.32
CA PRO A 17 5.55 1.32 7.05
C PRO A 17 6.77 0.68 7.75
N LEU A 18 7.68 0.15 6.98
CA LEU A 18 8.88 -0.48 7.58
C LEU A 18 9.55 -1.37 6.54
N ASN A 19 10.41 -0.80 5.76
CA ASN A 19 11.12 -1.58 4.71
C ASN A 19 12.47 -0.94 4.43
N GLN A 20 12.92 -0.96 3.20
CA GLN A 20 14.23 -0.34 2.87
C GLN A 20 14.35 1.01 3.57
N THR A 21 13.58 1.97 3.15
CA THR A 21 13.65 3.31 3.80
C THR A 21 12.49 4.17 3.28
N SER A 22 11.40 3.56 2.89
CA SER A 22 10.26 4.36 2.36
C SER A 22 8.94 3.74 2.82
N TYR A 23 8.96 2.96 3.86
CA TYR A 23 7.69 2.34 4.32
C TYR A 23 7.18 1.37 3.27
N LEU A 24 6.52 0.34 3.70
CA LEU A 24 6.01 -0.66 2.75
C LEU A 24 4.59 -1.07 3.14
N CYS A 25 3.69 -1.11 2.20
CA CYS A 25 2.28 -1.49 2.53
C CYS A 25 1.88 -2.72 1.72
N VAL A 26 0.67 -3.17 1.86
CA VAL A 26 0.22 -4.36 1.09
C VAL A 26 -0.74 -3.92 -0.02
N CYS A 27 -1.46 -4.84 -0.60
CA CYS A 27 -2.42 -4.47 -1.68
C CYS A 27 -3.84 -4.52 -1.14
N ALA A 28 -4.31 -5.67 -0.76
CA ALA A 28 -5.70 -5.79 -0.22
C ALA A 28 -6.00 -7.25 0.07
N GLU A 29 -7.22 -7.68 -0.12
CA GLU A 29 -7.56 -9.10 0.16
C GLU A 29 -8.42 -9.66 -0.99
N GLY A 30 -7.90 -9.64 -2.19
CA GLY A 30 -8.68 -10.18 -3.34
C GLY A 30 -8.50 -9.25 -4.55
N PHE A 31 -7.32 -8.74 -4.76
CA PHE A 31 -7.09 -7.83 -5.91
C PHE A 31 -5.91 -8.37 -6.73
N ALA A 32 -5.08 -7.50 -7.25
CA ALA A 32 -3.92 -7.96 -8.05
C ALA A 32 -3.01 -6.77 -8.35
N PRO A 33 -2.08 -6.54 -7.46
CA PRO A 33 -1.14 -5.41 -7.66
C PRO A 33 -0.73 -5.32 -9.12
N ILE A 34 -1.01 -4.22 -9.77
CA ILE A 34 -0.64 -4.08 -11.20
C ILE A 34 0.77 -3.49 -11.35
N PRO A 35 1.21 -2.74 -10.37
CA PRO A 35 2.57 -2.17 -10.53
C PRO A 35 3.61 -3.24 -10.16
N HIS A 36 3.19 -4.45 -9.95
CA HIS A 36 4.17 -5.51 -9.57
C HIS A 36 4.72 -5.19 -8.19
N GLU A 37 4.10 -4.27 -7.50
CA GLU A 37 4.59 -3.90 -6.14
C GLU A 37 3.45 -3.98 -5.13
N PRO A 38 3.80 -3.93 -3.87
CA PRO A 38 2.76 -4.02 -2.83
C PRO A 38 2.39 -2.60 -2.34
N HIS A 39 1.43 -1.98 -2.95
CA HIS A 39 1.03 -0.61 -2.53
C HIS A 39 -0.15 -0.15 -3.38
N ARG A 40 -0.20 -0.56 -4.61
CA ARG A 40 -1.34 -0.17 -5.51
C ARG A 40 -1.96 -1.44 -6.09
N CYS A 41 -3.22 -1.40 -6.41
CA CYS A 41 -3.85 -2.63 -6.97
C CYS A 41 -4.87 -2.24 -8.05
N GLN A 42 -5.50 -3.21 -8.65
CA GLN A 42 -6.50 -2.92 -9.71
C GLN A 42 -7.67 -3.90 -9.57
N MET A 43 -7.98 -4.28 -8.36
CA MET A 43 -9.10 -5.24 -8.13
C MET A 43 -9.09 -6.32 -9.22
N PHE A 44 -8.14 -7.21 -9.17
CA PHE A 44 -8.09 -8.28 -10.21
C PHE A 44 -8.29 -7.67 -11.59
N GLU A 1 -5.71 17.45 4.16
CA GLU A 1 -6.51 16.65 5.13
C GLU A 1 -6.23 15.16 4.94
N PRO A 2 -5.94 14.49 6.02
CA PRO A 2 -5.65 13.05 5.93
C PRO A 2 -6.79 12.35 5.17
N VAL A 3 -6.52 11.88 3.98
CA VAL A 3 -7.58 11.18 3.19
C VAL A 3 -7.21 9.71 3.03
N ASP A 4 -6.23 9.26 3.76
CA ASP A 4 -5.81 7.83 3.65
C ASP A 4 -5.49 7.28 5.03
N PRO A 5 -6.15 6.21 5.37
CA PRO A 5 -5.91 5.61 6.69
C PRO A 5 -4.41 5.58 6.98
N CYS A 6 -3.61 5.46 5.95
CA CYS A 6 -2.14 5.46 6.15
C CYS A 6 -1.50 6.46 5.19
N PHE A 7 -1.84 7.73 5.33
CA PHE A 7 -1.27 8.77 4.43
C PHE A 7 0.19 8.43 4.11
N ARG A 8 1.00 8.26 5.12
CA ARG A 8 2.42 7.92 4.86
C ARG A 8 2.46 6.68 3.96
N ALA A 9 2.74 6.87 2.69
CA ALA A 9 2.77 5.72 1.75
C ALA A 9 1.33 5.38 1.34
N ASN A 10 0.81 6.09 0.37
CA ASN A 10 -0.59 5.85 -0.09
C ASN A 10 -0.92 4.37 -0.04
N CYS A 11 -1.49 3.93 1.05
CA CYS A 11 -1.85 2.48 1.18
C CYS A 11 -3.31 2.29 0.77
N GLU A 12 -3.65 1.15 0.25
CA GLU A 12 -5.06 0.93 -0.19
C GLU A 12 -5.71 -0.17 0.67
N TYR A 13 -5.23 -0.38 1.86
CA TYR A 13 -5.83 -1.42 2.74
C TYR A 13 -4.96 -1.57 4.00
N GLN A 14 -3.96 -2.41 3.94
CA GLN A 14 -3.08 -2.59 5.13
C GLN A 14 -1.70 -2.01 4.80
N CYS A 15 -1.36 -0.92 5.41
CA CYS A 15 -0.04 -0.30 5.14
C CYS A 15 1.02 -0.87 6.08
N GLN A 16 2.11 -1.34 5.55
CA GLN A 16 3.17 -1.91 6.43
C GLN A 16 4.42 -1.03 6.31
N PRO A 17 4.26 0.22 6.61
CA PRO A 17 5.41 1.15 6.51
C PRO A 17 6.68 0.48 7.05
N LEU A 18 7.82 0.99 6.66
CA LEU A 18 9.10 0.42 7.14
C LEU A 18 9.21 -1.04 6.67
N ASN A 19 9.48 -1.22 5.41
CA ASN A 19 9.60 -2.60 4.87
C ASN A 19 11.09 -2.93 4.67
N GLN A 20 11.95 -2.08 5.14
CA GLN A 20 13.42 -2.31 4.98
C GLN A 20 14.14 -0.97 5.08
N THR A 21 14.31 -0.30 3.96
CA THR A 21 15.00 1.02 3.96
C THR A 21 14.01 2.09 3.49
N SER A 22 12.74 1.82 3.64
CA SER A 22 11.71 2.80 3.20
C SER A 22 10.35 2.39 3.77
N TYR A 23 9.30 2.56 3.01
CA TYR A 23 7.96 2.17 3.50
C TYR A 23 7.23 1.45 2.38
N LEU A 24 6.38 0.55 2.74
CA LEU A 24 5.66 -0.23 1.70
C LEU A 24 4.25 -0.61 2.20
N CYS A 25 3.32 -0.74 1.28
CA CYS A 25 1.93 -1.12 1.67
C CYS A 25 1.48 -2.29 0.78
N VAL A 26 0.59 -3.12 1.28
CA VAL A 26 0.13 -4.28 0.46
C VAL A 26 -1.28 -3.99 -0.07
N CYS A 27 -2.05 -5.02 -0.32
CA CYS A 27 -3.42 -4.80 -0.85
C CYS A 27 -4.44 -5.23 0.21
N ALA A 28 -5.52 -5.85 -0.19
CA ALA A 28 -6.53 -6.29 0.81
C ALA A 28 -6.55 -7.81 0.87
N GLU A 29 -7.71 -8.41 0.98
CA GLU A 29 -7.78 -9.89 1.02
C GLU A 29 -7.23 -10.46 -0.29
N GLY A 30 -7.13 -9.65 -1.29
CA GLY A 30 -6.61 -10.14 -2.59
C GLY A 30 -6.13 -8.96 -3.43
N PHE A 31 -6.87 -8.59 -4.44
CA PHE A 31 -6.46 -7.45 -5.29
C PHE A 31 -5.12 -7.75 -5.97
N ALA A 32 -5.04 -7.55 -7.24
CA ALA A 32 -3.75 -7.82 -7.97
C ALA A 32 -2.77 -6.68 -7.70
N PRO A 33 -1.66 -7.04 -7.11
CA PRO A 33 -0.64 -6.00 -6.81
C PRO A 33 -0.03 -5.46 -8.10
N ILE A 34 -0.14 -4.18 -8.32
CA ILE A 34 0.43 -3.57 -9.56
C ILE A 34 1.80 -4.21 -9.86
N PRO A 35 2.20 -4.10 -11.09
CA PRO A 35 3.50 -4.70 -11.48
C PRO A 35 4.64 -3.69 -11.27
N HIS A 36 4.47 -2.76 -10.35
CA HIS A 36 5.54 -1.76 -10.10
C HIS A 36 5.26 -1.01 -8.80
N GLU A 37 4.01 -0.78 -8.50
CA GLU A 37 3.69 -0.04 -7.23
C GLU A 37 2.99 -0.99 -6.26
N PRO A 38 3.70 -1.34 -5.21
CA PRO A 38 3.10 -2.25 -4.21
C PRO A 38 2.47 -1.43 -3.07
N HIS A 39 1.30 -0.92 -3.28
CA HIS A 39 0.64 -0.12 -2.21
C HIS A 39 -0.69 0.45 -2.74
N ARG A 40 -1.35 -0.26 -3.61
CA ARG A 40 -2.63 0.23 -4.15
C ARG A 40 -3.38 -0.92 -4.85
N CYS A 41 -2.65 -1.74 -5.56
CA CYS A 41 -3.30 -2.88 -6.25
C CYS A 41 -4.26 -2.35 -7.31
N GLN A 42 -4.83 -3.22 -8.10
CA GLN A 42 -5.79 -2.77 -9.15
C GLN A 42 -7.03 -3.67 -9.12
N MET A 43 -7.27 -4.32 -8.02
CA MET A 43 -8.47 -5.20 -7.92
C MET A 43 -8.53 -6.13 -9.14
N PHE A 44 -8.09 -7.35 -8.99
CA PHE A 44 -8.14 -8.30 -10.13
C PHE A 44 -9.55 -8.34 -10.71
N GLU A 1 -9.26 14.80 -0.39
CA GLU A 1 -8.96 15.29 0.98
C GLU A 1 -7.45 15.37 1.19
N PRO A 2 -7.04 16.33 1.99
CA PRO A 2 -5.59 16.47 2.24
C PRO A 2 -5.18 15.63 3.46
N VAL A 3 -5.57 14.38 3.49
CA VAL A 3 -5.20 13.53 4.65
C VAL A 3 -5.20 12.05 4.22
N ASP A 4 -4.09 11.57 3.72
CA ASP A 4 -4.04 10.15 3.28
C ASP A 4 -4.50 9.25 4.42
N PRO A 5 -4.87 8.06 4.04
CA PRO A 5 -5.36 7.09 5.03
C PRO A 5 -4.21 6.58 5.91
N CYS A 6 -3.15 6.12 5.31
CA CYS A 6 -2.01 5.61 6.11
C CYS A 6 -1.27 6.77 6.79
N PHE A 7 -1.46 7.97 6.29
CA PHE A 7 -0.77 9.14 6.90
C PHE A 7 0.73 8.85 7.04
N ARG A 8 1.24 7.95 6.24
CA ARG A 8 2.68 7.61 6.32
C ARG A 8 3.21 7.35 4.91
N ALA A 9 2.47 6.66 4.10
CA ALA A 9 2.92 6.37 2.71
C ALA A 9 1.70 6.27 1.79
N ASN A 10 1.86 5.66 0.65
CA ASN A 10 0.71 5.52 -0.29
C ASN A 10 0.17 4.08 -0.23
N CYS A 11 -0.56 3.75 0.80
CA CYS A 11 -1.11 2.38 0.91
C CYS A 11 -2.50 2.33 0.27
N GLU A 12 -2.96 1.16 -0.06
CA GLU A 12 -4.31 1.05 -0.70
C GLU A 12 -5.23 0.20 0.18
N TYR A 13 -4.85 -0.05 1.40
CA TYR A 13 -5.72 -0.87 2.30
C TYR A 13 -5.04 -1.06 3.65
N GLN A 14 -4.14 -1.99 3.76
CA GLN A 14 -3.45 -2.23 5.05
C GLN A 14 -2.29 -1.24 5.20
N CYS A 15 -1.43 -1.45 6.16
CA CYS A 15 -0.28 -0.52 6.33
C CYS A 15 0.81 -1.19 7.16
N GLN A 16 1.75 -1.83 6.52
CA GLN A 16 2.86 -2.50 7.26
C GLN A 16 4.15 -1.74 6.97
N PRO A 17 4.30 -0.63 7.64
CA PRO A 17 5.51 0.19 7.43
C PRO A 17 6.75 -0.68 7.38
N LEU A 18 7.88 -0.10 7.04
CA LEU A 18 9.17 -0.84 6.95
C LEU A 18 9.37 -1.34 5.53
N ASN A 19 9.96 -0.52 4.70
CA ASN A 19 10.21 -0.91 3.29
C ASN A 19 11.61 -0.43 2.89
N GLN A 20 12.09 -0.84 1.75
CA GLN A 20 13.46 -0.41 1.32
C GLN A 20 13.69 1.06 1.71
N THR A 21 12.65 1.84 1.77
CA THR A 21 12.83 3.27 2.15
C THR A 21 11.52 4.02 1.92
N SER A 22 10.40 3.38 2.10
CA SER A 22 9.11 4.10 1.88
C SER A 22 7.94 3.32 2.51
N TYR A 23 8.20 2.56 3.54
CA TYR A 23 7.11 1.79 4.18
C TYR A 23 6.50 0.83 3.18
N LEU A 24 6.14 -0.32 3.63
CA LEU A 24 5.56 -1.34 2.72
C LEU A 24 4.12 -1.67 3.12
N CYS A 25 3.16 -1.23 2.34
CA CYS A 25 1.73 -1.53 2.67
C CYS A 25 1.31 -2.81 1.97
N VAL A 26 0.34 -3.51 2.51
CA VAL A 26 -0.13 -4.77 1.86
C VAL A 26 -0.93 -4.42 0.60
N CYS A 27 -2.06 -5.03 0.40
CA CYS A 27 -2.87 -4.70 -0.81
C CYS A 27 -4.34 -4.56 -0.44
N ALA A 28 -4.98 -5.64 -0.09
CA ALA A 28 -6.42 -5.57 0.27
C ALA A 28 -6.91 -6.98 0.60
N GLU A 29 -8.09 -7.33 0.16
CA GLU A 29 -8.60 -8.70 0.45
C GLU A 29 -9.05 -9.38 -0.84
N GLY A 30 -8.47 -9.05 -1.96
CA GLY A 30 -8.88 -9.71 -3.23
C GLY A 30 -8.59 -8.81 -4.43
N PHE A 31 -7.36 -8.44 -4.65
CA PHE A 31 -7.03 -7.58 -5.83
C PHE A 31 -5.80 -8.16 -6.54
N ALA A 32 -4.96 -7.31 -7.07
CA ALA A 32 -3.75 -7.80 -7.78
C ALA A 32 -2.64 -6.77 -7.65
N PRO A 33 -1.89 -6.89 -6.58
CA PRO A 33 -0.80 -5.92 -6.36
C PRO A 33 -0.07 -5.62 -7.67
N ILE A 34 -0.14 -4.39 -8.11
CA ILE A 34 0.54 -4.02 -9.39
C ILE A 34 1.94 -4.65 -9.42
N PRO A 35 2.54 -4.58 -10.59
CA PRO A 35 3.89 -5.16 -10.72
C PRO A 35 4.95 -4.12 -10.33
N HIS A 36 4.71 -2.88 -10.62
CA HIS A 36 5.71 -1.82 -10.27
C HIS A 36 6.05 -1.91 -8.78
N GLU A 37 5.10 -2.32 -7.97
CA GLU A 37 5.39 -2.42 -6.51
C GLU A 37 4.07 -2.51 -5.73
N PRO A 38 3.99 -3.48 -4.86
CA PRO A 38 2.75 -3.62 -4.08
C PRO A 38 2.47 -2.34 -3.32
N HIS A 39 1.32 -2.24 -2.68
CA HIS A 39 0.91 -1.02 -1.89
C HIS A 39 -0.11 -0.22 -2.69
N ARG A 40 -0.43 -0.65 -3.88
CA ARG A 40 -1.42 0.08 -4.71
C ARG A 40 -2.45 -0.91 -5.28
N CYS A 41 -1.97 -2.01 -5.79
CA CYS A 41 -2.91 -3.03 -6.36
C CYS A 41 -3.75 -2.39 -7.46
N GLN A 42 -4.56 -3.17 -8.11
CA GLN A 42 -5.42 -2.61 -9.20
C GLN A 42 -6.60 -3.55 -9.45
N MET A 43 -7.01 -4.28 -8.44
CA MET A 43 -8.16 -5.21 -8.61
C MET A 43 -7.81 -6.25 -9.67
N PHE A 44 -7.78 -7.50 -9.29
CA PHE A 44 -7.46 -8.58 -10.26
C PHE A 44 -8.44 -8.54 -11.43
N GLU A 1 -10.57 16.72 10.20
CA GLU A 1 -10.34 15.37 10.81
C GLU A 1 -9.25 14.64 10.04
N PRO A 2 -8.18 14.33 10.72
CA PRO A 2 -7.08 13.61 10.04
C PRO A 2 -7.44 12.13 9.88
N VAL A 3 -7.13 11.57 8.75
CA VAL A 3 -7.45 10.13 8.53
C VAL A 3 -6.33 9.48 7.73
N ASP A 4 -6.37 9.59 6.43
CA ASP A 4 -5.30 8.99 5.59
C ASP A 4 -5.29 7.47 5.79
N PRO A 5 -5.24 6.77 4.69
CA PRO A 5 -5.24 5.30 4.77
C PRO A 5 -4.35 4.84 5.92
N CYS A 6 -3.05 4.92 5.76
CA CYS A 6 -2.14 4.50 6.85
C CYS A 6 -1.40 5.72 7.40
N PHE A 7 -1.70 6.89 6.89
CA PHE A 7 -1.03 8.12 7.38
C PHE A 7 0.48 7.86 7.50
N ARG A 8 1.17 7.84 6.40
CA ARG A 8 2.64 7.60 6.44
C ARG A 8 3.18 7.47 5.02
N ALA A 9 2.53 6.69 4.20
CA ALA A 9 3.01 6.53 2.79
C ALA A 9 1.81 6.39 1.86
N ASN A 10 2.03 6.00 0.64
CA ASN A 10 0.89 5.85 -0.31
C ASN A 10 0.30 4.44 -0.19
N CYS A 11 -0.42 4.17 0.87
CA CYS A 11 -1.02 2.82 1.03
C CYS A 11 -2.47 2.85 0.54
N GLU A 12 -3.01 1.71 0.19
CA GLU A 12 -4.42 1.67 -0.30
C GLU A 12 -5.29 0.88 0.68
N TYR A 13 -5.05 -0.39 0.82
CA TYR A 13 -5.86 -1.22 1.76
C TYR A 13 -5.08 -1.37 3.06
N GLN A 14 -4.17 -2.31 3.10
CA GLN A 14 -3.36 -2.49 4.34
C GLN A 14 -2.05 -1.72 4.18
N CYS A 15 -1.25 -1.65 5.21
CA CYS A 15 0.03 -0.90 5.09
C CYS A 15 1.10 -1.52 5.99
N GLN A 16 2.33 -1.24 5.69
CA GLN A 16 3.44 -1.79 6.52
C GLN A 16 4.62 -0.82 6.44
N PRO A 17 4.31 0.44 6.60
CA PRO A 17 5.35 1.49 6.52
C PRO A 17 6.65 1.00 7.17
N LEU A 18 7.74 1.64 6.85
CA LEU A 18 9.05 1.23 7.42
C LEU A 18 9.42 -0.16 6.93
N ASN A 19 9.85 -0.25 5.71
CA ASN A 19 10.23 -1.58 5.14
C ASN A 19 11.72 -1.58 4.79
N GLN A 20 12.56 -1.98 5.70
CA GLN A 20 14.02 -2.02 5.42
C GLN A 20 14.61 -0.61 5.57
N THR A 21 14.35 0.25 4.62
CA THR A 21 14.91 1.64 4.70
C THR A 21 13.94 2.61 4.01
N SER A 22 12.66 2.37 4.12
CA SER A 22 11.68 3.26 3.45
C SER A 22 10.28 2.94 3.99
N TYR A 23 9.29 2.97 3.14
CA TYR A 23 7.92 2.67 3.60
C TYR A 23 7.20 1.87 2.53
N LEU A 24 6.52 0.86 2.94
CA LEU A 24 5.81 -0.01 1.97
C LEU A 24 4.42 -0.39 2.52
N CYS A 25 3.46 -0.58 1.65
CA CYS A 25 2.10 -0.95 2.12
C CYS A 25 1.63 -2.22 1.41
N VAL A 26 0.46 -2.69 1.72
CA VAL A 26 -0.05 -3.93 1.06
C VAL A 26 -0.99 -3.53 -0.09
N CYS A 27 -2.03 -4.29 -0.31
CA CYS A 27 -2.97 -3.94 -1.42
C CYS A 27 -4.41 -4.29 -1.02
N ALA A 28 -4.63 -5.47 -0.50
CA ALA A 28 -6.01 -5.86 -0.10
C ALA A 28 -6.06 -7.36 0.18
N GLU A 29 -7.22 -7.95 0.13
CA GLU A 29 -7.34 -9.41 0.38
C GLU A 29 -8.03 -10.09 -0.80
N GLY A 30 -7.39 -10.12 -1.94
CA GLY A 30 -8.01 -10.77 -3.12
C GLY A 30 -8.01 -9.81 -4.31
N PHE A 31 -7.03 -8.94 -4.39
CA PHE A 31 -6.97 -7.99 -5.52
C PHE A 31 -5.82 -8.41 -6.44
N ALA A 32 -5.34 -7.51 -7.24
CA ALA A 32 -4.22 -7.85 -8.17
C ALA A 32 -3.11 -6.82 -8.01
N PRO A 33 -2.57 -6.75 -6.82
CA PRO A 33 -1.49 -5.78 -6.56
C PRO A 33 -0.52 -5.74 -7.75
N ILE A 34 -0.69 -4.79 -8.63
CA ILE A 34 0.20 -4.71 -9.82
C ILE A 34 1.67 -4.88 -9.38
N PRO A 35 2.52 -5.09 -10.34
CA PRO A 35 3.95 -5.26 -10.01
C PRO A 35 4.70 -3.94 -10.24
N HIS A 36 4.25 -3.16 -11.18
CA HIS A 36 4.92 -1.87 -11.47
C HIS A 36 5.24 -1.17 -10.14
N GLU A 37 4.48 -1.44 -9.12
CA GLU A 37 4.75 -0.79 -7.80
C GLU A 37 3.69 -1.22 -6.79
N PRO A 38 4.15 -1.72 -5.67
CA PRO A 38 3.20 -2.15 -4.62
C PRO A 38 2.41 -0.94 -4.13
N HIS A 39 1.22 -1.17 -3.62
CA HIS A 39 0.33 -0.06 -3.10
C HIS A 39 -0.81 0.20 -4.10
N ARG A 40 -0.85 -0.55 -5.17
CA ARG A 40 -1.93 -0.34 -6.18
C ARG A 40 -2.66 -1.67 -6.41
N CYS A 41 -3.96 -1.65 -6.37
CA CYS A 41 -4.72 -2.92 -6.57
C CYS A 41 -5.68 -2.76 -7.76
N GLN A 42 -5.86 -3.79 -8.52
CA GLN A 42 -6.79 -3.70 -9.69
C GLN A 42 -8.01 -4.58 -9.45
N MET A 43 -8.18 -5.04 -8.24
CA MET A 43 -9.36 -5.90 -7.92
C MET A 43 -9.47 -7.04 -8.94
N PHE A 44 -9.07 -8.23 -8.57
CA PHE A 44 -9.15 -9.38 -9.50
C PHE A 44 -10.58 -9.49 -10.05
N GLU A 1 -0.71 18.32 -0.27
CA GLU A 1 -1.60 18.32 0.91
C GLU A 1 -1.47 17.00 1.67
N PRO A 2 -0.60 17.01 2.64
CA PRO A 2 -0.39 15.77 3.43
C PRO A 2 -1.75 15.17 3.82
N VAL A 3 -2.02 13.98 3.37
CA VAL A 3 -3.32 13.33 3.72
C VAL A 3 -3.29 11.86 3.29
N ASP A 4 -2.51 11.06 3.95
CA ASP A 4 -2.43 9.62 3.58
C ASP A 4 -2.85 8.76 4.76
N PRO A 5 -3.69 7.80 4.48
CA PRO A 5 -4.17 6.92 5.56
C PRO A 5 -2.98 6.20 6.22
N CYS A 6 -2.04 5.75 5.43
CA CYS A 6 -0.86 5.06 6.00
C CYS A 6 0.17 6.09 6.48
N PHE A 7 0.07 7.30 5.98
CA PHE A 7 1.04 8.35 6.40
C PHE A 7 2.44 7.97 5.95
N ARG A 8 3.12 8.84 5.27
CA ARG A 8 4.50 8.53 4.80
C ARG A 8 4.43 7.52 3.65
N ALA A 9 3.31 7.46 2.98
CA ALA A 9 3.17 6.49 1.85
C ALA A 9 1.79 6.67 1.19
N ASN A 10 1.55 5.98 0.11
CA ASN A 10 0.24 6.12 -0.58
C ASN A 10 -0.40 4.75 -0.76
N CYS A 11 -0.79 4.13 0.32
CA CYS A 11 -1.42 2.77 0.21
C CYS A 11 -2.92 2.91 -0.08
N GLU A 12 -3.47 1.98 -0.81
CA GLU A 12 -4.93 2.05 -1.12
C GLU A 12 -5.66 1.00 -0.26
N TYR A 13 -5.03 0.58 0.80
CA TYR A 13 -5.67 -0.44 1.69
C TYR A 13 -4.79 -0.59 2.94
N GLN A 14 -4.51 -1.79 3.37
CA GLN A 14 -3.65 -1.97 4.57
C GLN A 14 -2.21 -1.61 4.18
N CYS A 15 -1.30 -1.63 5.11
CA CYS A 15 0.10 -1.28 4.75
C CYS A 15 0.98 -1.22 6.00
N GLN A 16 2.19 -1.69 5.90
CA GLN A 16 3.12 -1.65 7.06
C GLN A 16 4.26 -0.70 6.72
N PRO A 17 4.05 0.55 7.05
CA PRO A 17 5.09 1.56 6.75
C PRO A 17 6.40 1.24 7.47
N LEU A 18 7.22 0.43 6.87
CA LEU A 18 8.53 0.08 7.51
C LEU A 18 9.36 -0.77 6.54
N ASN A 19 8.86 -1.90 6.15
CA ASN A 19 9.60 -2.80 5.20
C ASN A 19 11.12 -2.69 5.46
N GLN A 20 11.91 -2.77 4.41
CA GLN A 20 13.39 -2.69 4.59
C GLN A 20 13.76 -1.41 5.35
N THR A 21 13.83 -0.30 4.67
CA THR A 21 14.20 0.97 5.36
C THR A 21 13.30 2.10 4.87
N SER A 22 12.00 1.90 4.93
CA SER A 22 11.06 2.94 4.46
C SER A 22 9.62 2.52 4.80
N TYR A 23 8.72 2.63 3.87
CA TYR A 23 7.32 2.23 4.15
C TYR A 23 6.75 1.47 2.96
N LEU A 24 6.11 0.38 3.24
CA LEU A 24 5.54 -0.45 2.16
C LEU A 24 4.02 -0.55 2.33
N CYS A 25 3.31 -0.85 1.28
CA CYS A 25 1.82 -0.96 1.39
C CYS A 25 1.38 -2.37 1.00
N VAL A 26 0.25 -2.81 1.49
CA VAL A 26 -0.23 -4.18 1.16
C VAL A 26 -1.31 -4.09 0.07
N CYS A 27 -2.10 -5.11 -0.08
CA CYS A 27 -3.16 -5.09 -1.13
C CYS A 27 -4.54 -5.15 -0.47
N ALA A 28 -5.11 -6.32 -0.34
CA ALA A 28 -6.45 -6.42 0.28
C ALA A 28 -6.77 -7.90 0.56
N GLU A 29 -7.99 -8.30 0.36
CA GLU A 29 -8.36 -9.72 0.62
C GLU A 29 -7.53 -10.62 -0.27
N GLY A 30 -7.39 -10.26 -1.52
CA GLY A 30 -6.58 -11.10 -2.45
C GLY A 30 -6.79 -10.63 -3.89
N PHE A 31 -6.14 -9.58 -4.28
CA PHE A 31 -6.29 -9.06 -5.66
C PHE A 31 -4.99 -9.31 -6.44
N ALA A 32 -4.61 -8.39 -7.28
CA ALA A 32 -3.35 -8.57 -8.05
C ALA A 32 -2.44 -7.36 -7.83
N PRO A 33 -1.26 -7.62 -7.32
CA PRO A 33 -0.33 -6.50 -7.06
C PRO A 33 -0.06 -5.73 -8.35
N ILE A 34 -0.39 -4.46 -8.39
CA ILE A 34 -0.16 -3.66 -9.63
C ILE A 34 1.31 -3.83 -10.08
N PRO A 35 1.66 -3.13 -11.13
CA PRO A 35 3.06 -3.27 -11.60
C PRO A 35 3.82 -1.95 -11.46
N HIS A 36 3.11 -0.85 -11.34
CA HIS A 36 3.80 0.47 -11.22
C HIS A 36 4.41 0.62 -9.81
N GLU A 37 3.83 -0.01 -8.83
CA GLU A 37 4.37 0.10 -7.44
C GLU A 37 3.27 -0.24 -6.43
N PRO A 38 3.61 -1.05 -5.46
CA PRO A 38 2.61 -1.41 -4.45
C PRO A 38 1.96 -0.13 -3.92
N HIS A 39 0.99 -0.25 -3.03
CA HIS A 39 0.29 0.95 -2.47
C HIS A 39 -0.97 1.24 -3.28
N ARG A 40 -1.57 0.22 -3.84
CA ARG A 40 -2.82 0.42 -4.63
C ARG A 40 -3.46 -0.94 -4.90
N CYS A 41 -2.79 -1.77 -5.64
CA CYS A 41 -3.34 -3.12 -5.93
C CYS A 41 -4.61 -2.98 -6.77
N GLN A 42 -5.04 -4.05 -7.39
CA GLN A 42 -6.27 -4.00 -8.22
C GLN A 42 -7.26 -5.06 -7.70
N MET A 43 -7.93 -5.75 -8.58
CA MET A 43 -8.90 -6.79 -8.12
C MET A 43 -8.91 -7.94 -9.11
N PHE A 44 -8.43 -9.09 -8.70
CA PHE A 44 -8.42 -10.27 -9.62
C PHE A 44 -9.75 -10.36 -10.36
N GLU A 1 1.33 16.40 2.09
CA GLU A 1 0.33 15.42 1.57
C GLU A 1 -0.68 15.08 2.68
N PRO A 2 -1.48 16.04 3.02
CA PRO A 2 -2.48 15.80 4.08
C PRO A 2 -3.56 14.84 3.58
N VAL A 3 -4.48 14.45 4.43
CA VAL A 3 -5.55 13.51 4.00
C VAL A 3 -4.92 12.24 3.42
N ASP A 4 -4.34 11.43 4.26
CA ASP A 4 -3.70 10.18 3.76
C ASP A 4 -4.06 9.02 4.68
N PRO A 5 -4.40 7.92 4.07
CA PRO A 5 -4.77 6.72 4.85
C PRO A 5 -3.72 6.47 5.94
N CYS A 6 -2.51 6.17 5.55
CA CYS A 6 -1.45 5.90 6.56
C CYS A 6 -0.70 7.19 6.89
N PHE A 7 -0.69 8.12 5.97
CA PHE A 7 0.02 9.41 6.20
C PHE A 7 1.51 9.26 5.89
N ARG A 8 2.13 8.22 6.38
CA ARG A 8 3.58 8.03 6.10
C ARG A 8 3.74 7.19 4.83
N ALA A 9 2.70 7.03 4.08
CA ALA A 9 2.78 6.24 2.82
C ALA A 9 1.40 6.14 2.17
N ASN A 10 1.34 6.21 0.87
CA ASN A 10 0.01 6.13 0.19
C ASN A 10 -0.42 4.67 0.12
N CYS A 11 -1.02 4.17 1.16
CA CYS A 11 -1.47 2.75 1.15
C CYS A 11 -2.93 2.68 0.69
N GLU A 12 -3.41 1.52 0.35
CA GLU A 12 -4.83 1.40 -0.12
C GLU A 12 -5.74 1.02 1.05
N TYR A 13 -5.68 -0.20 1.51
CA TYR A 13 -6.56 -0.61 2.64
C TYR A 13 -5.68 -1.10 3.80
N GLN A 14 -4.77 -2.00 3.53
CA GLN A 14 -3.88 -2.49 4.62
C GLN A 14 -2.86 -1.41 4.95
N CYS A 15 -1.74 -1.76 5.51
CA CYS A 15 -0.72 -0.72 5.82
C CYS A 15 0.36 -1.28 6.73
N GLN A 16 1.49 -1.63 6.17
CA GLN A 16 2.62 -2.14 6.99
C GLN A 16 3.89 -1.39 6.57
N PRO A 17 3.70 -0.12 6.30
CA PRO A 17 4.86 0.70 5.86
C PRO A 17 6.10 0.37 6.68
N LEU A 18 7.23 0.83 6.22
CA LEU A 18 8.53 0.59 6.92
C LEU A 18 9.14 -0.73 6.43
N ASN A 19 9.89 -0.67 5.37
CA ASN A 19 10.53 -1.90 4.83
C ASN A 19 12.05 -1.78 4.99
N GLN A 20 12.80 -2.33 4.07
CA GLN A 20 14.28 -2.25 4.19
C GLN A 20 14.69 -0.82 4.52
N THR A 21 14.54 0.09 3.59
CA THR A 21 14.92 1.51 3.87
C THR A 21 13.89 2.45 3.25
N SER A 22 12.63 2.24 3.55
CA SER A 22 11.58 3.14 2.98
C SER A 22 10.23 2.83 3.65
N TYR A 23 9.16 3.16 3.00
CA TYR A 23 7.82 2.89 3.57
C TYR A 23 7.31 1.55 3.05
N LEU A 24 6.04 1.44 2.83
CA LEU A 24 5.50 0.14 2.33
C LEU A 24 3.96 0.19 2.28
N CYS A 25 3.34 -0.96 2.25
CA CYS A 25 1.85 -1.04 2.19
C CYS A 25 1.48 -2.39 1.53
N VAL A 26 0.28 -2.85 1.69
CA VAL A 26 -0.09 -4.16 1.07
C VAL A 26 -1.18 -3.95 0.00
N CYS A 27 -1.84 -5.00 -0.40
CA CYS A 27 -2.90 -4.88 -1.44
C CYS A 27 -4.28 -4.86 -0.78
N ALA A 28 -4.86 -6.01 -0.59
CA ALA A 28 -6.21 -6.07 0.04
C ALA A 28 -6.58 -7.52 0.31
N GLU A 29 -7.83 -7.87 0.15
CA GLU A 29 -8.26 -9.27 0.41
C GLU A 29 -7.56 -10.19 -0.59
N GLY A 30 -7.45 -9.78 -1.81
CA GLY A 30 -6.79 -10.63 -2.83
C GLY A 30 -7.08 -10.09 -4.23
N PHE A 31 -6.35 -9.10 -4.67
CA PHE A 31 -6.59 -8.54 -6.02
C PHE A 31 -5.38 -8.83 -6.92
N ALA A 32 -5.00 -7.91 -7.75
CA ALA A 32 -3.83 -8.14 -8.64
C ALA A 32 -2.75 -7.10 -8.33
N PRO A 33 -2.05 -7.32 -7.25
CA PRO A 33 -1.00 -6.37 -6.87
C PRO A 33 -0.19 -5.93 -8.10
N ILE A 34 -0.41 -4.73 -8.56
CA ILE A 34 0.35 -4.24 -9.75
C ILE A 34 1.84 -4.20 -9.41
N PRO A 35 2.62 -4.82 -10.27
CA PRO A 35 4.08 -4.83 -10.02
C PRO A 35 4.63 -3.41 -10.15
N HIS A 36 3.96 -2.57 -10.88
CA HIS A 36 4.45 -1.17 -11.05
C HIS A 36 4.68 -0.55 -9.68
N GLU A 37 4.06 -1.08 -8.65
CA GLU A 37 4.25 -0.51 -7.29
C GLU A 37 3.59 -1.42 -6.24
N PRO A 38 4.14 -1.41 -5.05
CA PRO A 38 3.55 -2.27 -3.99
C PRO A 38 2.78 -1.40 -2.99
N HIS A 39 1.48 -1.41 -3.08
CA HIS A 39 0.62 -0.60 -2.15
C HIS A 39 -0.74 -0.38 -2.82
N ARG A 40 -0.77 -0.43 -4.12
CA ARG A 40 -2.05 -0.23 -4.87
C ARG A 40 -2.27 -1.44 -5.77
N CYS A 41 -3.48 -1.74 -6.11
CA CYS A 41 -3.72 -2.93 -6.99
C CYS A 41 -5.02 -2.77 -7.75
N GLN A 42 -5.53 -3.86 -8.26
CA GLN A 42 -6.80 -3.82 -9.03
C GLN A 42 -7.55 -5.14 -8.83
N MET A 43 -8.72 -5.09 -8.25
CA MET A 43 -9.51 -6.33 -8.01
C MET A 43 -9.41 -7.25 -9.22
N PHE A 44 -8.45 -8.13 -9.22
CA PHE A 44 -8.29 -9.06 -10.37
C PHE A 44 -8.48 -8.31 -11.69
N GLU A 1 0.92 13.48 -4.36
CA GLU A 1 -0.11 14.43 -3.85
C GLU A 1 -0.60 13.97 -2.48
N PRO A 2 -0.52 14.87 -1.53
CA PRO A 2 -0.97 14.51 -0.17
C PRO A 2 -2.51 14.40 -0.12
N VAL A 3 -3.04 13.27 -0.46
CA VAL A 3 -4.52 13.10 -0.43
C VAL A 3 -4.87 11.61 -0.40
N ASP A 4 -4.46 10.92 0.62
CA ASP A 4 -4.77 9.45 0.70
C ASP A 4 -4.89 9.04 2.16
N PRO A 5 -5.84 8.19 2.41
CA PRO A 5 -6.06 7.71 3.78
C PRO A 5 -4.72 7.30 4.42
N CYS A 6 -3.99 6.44 3.77
CA CYS A 6 -2.68 6.00 4.35
C CYS A 6 -1.56 6.89 3.79
N PHE A 7 -1.78 8.18 3.77
CA PHE A 7 -0.75 9.11 3.24
C PHE A 7 0.57 8.87 3.99
N ARG A 8 0.52 8.28 5.15
CA ARG A 8 1.77 8.01 5.91
C ARG A 8 2.84 7.45 4.98
N ALA A 9 2.44 6.66 4.02
CA ALA A 9 3.44 6.08 3.07
C ALA A 9 2.76 5.78 1.74
N ASN A 10 1.78 6.56 1.38
CA ASN A 10 1.08 6.32 0.08
C ASN A 10 0.60 4.87 0.02
N CYS A 11 -0.63 4.63 0.40
CA CYS A 11 -1.16 3.23 0.37
C CYS A 11 -2.66 3.26 0.06
N GLU A 12 -3.30 2.13 0.14
CA GLU A 12 -4.77 2.08 -0.15
C GLU A 12 -5.37 0.82 0.49
N TYR A 13 -4.74 0.33 1.53
CA TYR A 13 -5.27 -0.89 2.20
C TYR A 13 -4.32 -1.25 3.36
N GLN A 14 -3.79 -2.45 3.40
CA GLN A 14 -2.88 -2.81 4.51
C GLN A 14 -1.66 -1.87 4.46
N CYS A 15 -1.28 -1.34 5.59
CA CYS A 15 -0.12 -0.40 5.61
C CYS A 15 0.95 -0.93 6.57
N GLN A 16 2.12 -1.21 6.05
CA GLN A 16 3.21 -1.72 6.92
C GLN A 16 4.47 -0.89 6.67
N PRO A 17 4.32 0.40 6.85
CA PRO A 17 5.48 1.29 6.62
C PRO A 17 6.67 0.88 7.50
N LEU A 18 7.58 0.13 6.95
CA LEU A 18 8.77 -0.30 7.73
C LEU A 18 9.48 -1.44 7.01
N ASN A 19 10.39 -1.10 6.14
CA ASN A 19 11.13 -2.15 5.39
C ASN A 19 12.63 -1.99 5.67
N GLN A 20 13.01 -2.05 6.91
CA GLN A 20 14.46 -1.91 7.28
C GLN A 20 14.83 -0.42 7.34
N THR A 21 14.37 0.37 6.42
CA THR A 21 14.72 1.82 6.44
C THR A 21 13.71 2.63 5.62
N SER A 22 12.49 2.15 5.51
CA SER A 22 11.47 2.90 4.72
C SER A 22 10.07 2.37 5.06
N TYR A 23 9.17 2.38 4.11
CA TYR A 23 7.81 1.88 4.36
C TYR A 23 7.57 0.64 3.51
N LEU A 24 6.34 0.24 3.38
CA LEU A 24 6.03 -0.97 2.58
C LEU A 24 4.53 -1.29 2.71
N CYS A 25 3.70 -0.66 1.92
CA CYS A 25 2.25 -0.94 2.01
C CYS A 25 1.87 -2.02 1.00
N VAL A 26 0.75 -2.67 1.19
CA VAL A 26 0.33 -3.74 0.24
C VAL A 26 -0.93 -3.29 -0.50
N CYS A 27 -1.77 -4.23 -0.86
CA CYS A 27 -3.02 -3.86 -1.59
C CYS A 27 -4.21 -4.59 -0.95
N ALA A 28 -4.19 -5.89 -0.95
CA ALA A 28 -5.32 -6.66 -0.34
C ALA A 28 -4.95 -8.15 -0.36
N GLU A 29 -5.91 -9.00 -0.63
CA GLU A 29 -5.61 -10.45 -0.67
C GLU A 29 -6.49 -11.12 -1.72
N GLY A 30 -5.94 -11.40 -2.87
CA GLY A 30 -6.75 -12.03 -3.95
C GLY A 30 -7.18 -10.95 -4.94
N PHE A 31 -6.42 -9.90 -5.04
CA PHE A 31 -6.77 -8.80 -5.99
C PHE A 31 -5.95 -8.96 -7.27
N ALA A 32 -5.59 -7.87 -7.90
CA ALA A 32 -4.79 -7.96 -9.16
C ALA A 32 -3.60 -7.00 -9.06
N PRO A 33 -2.56 -7.47 -8.45
CA PRO A 33 -1.36 -6.62 -8.29
C PRO A 33 -1.01 -5.93 -9.61
N ILE A 34 -0.74 -4.65 -9.55
CA ILE A 34 -0.37 -3.90 -10.78
C ILE A 34 1.08 -4.18 -11.12
N PRO A 35 1.47 -3.86 -12.33
CA PRO A 35 2.87 -4.13 -12.72
C PRO A 35 3.80 -3.00 -12.28
N HIS A 36 3.29 -2.01 -11.59
CA HIS A 36 4.17 -0.91 -11.14
C HIS A 36 3.66 -0.33 -9.81
N GLU A 37 2.76 -1.02 -9.16
CA GLU A 37 2.24 -0.50 -7.86
C GLU A 37 2.04 -1.66 -6.88
N PRO A 38 2.87 -1.69 -5.87
CA PRO A 38 2.75 -2.77 -4.87
C PRO A 38 1.84 -2.33 -3.72
N HIS A 39 1.87 -1.07 -3.39
CA HIS A 39 1.00 -0.56 -2.28
C HIS A 39 -0.41 -0.31 -2.82
N ARG A 40 -0.59 -0.44 -4.10
CA ARG A 40 -1.93 -0.21 -4.70
C ARG A 40 -2.19 -1.26 -5.78
N CYS A 41 -3.28 -1.97 -5.68
CA CYS A 41 -3.57 -3.01 -6.70
C CYS A 41 -5.07 -3.05 -6.99
N GLN A 42 -5.46 -3.62 -8.10
CA GLN A 42 -6.90 -3.69 -8.44
C GLN A 42 -7.61 -4.67 -7.50
N MET A 43 -7.99 -4.21 -6.34
CA MET A 43 -8.69 -5.11 -5.37
C MET A 43 -9.85 -5.82 -6.05
N PHE A 44 -9.58 -6.94 -6.65
CA PHE A 44 -10.64 -7.71 -7.35
C PHE A 44 -11.75 -8.07 -6.34
#